data_4E9U
#
_entry.id   4E9U
#
_cell.length_a   80.440
_cell.length_b   80.440
_cell.length_c   90.793
_cell.angle_alpha   90.00
_cell.angle_beta   90.00
_cell.angle_gamma   120.00
#
_symmetry.space_group_name_H-M   'P 32 2 1'
#
loop_
_entity.id
_entity.type
_entity.pdbx_description
1 polymer 'Dehydrosqualene synthase'
2 non-polymer '2-(4-phenoxyphenoxy)ethyl thiocyanate'
3 non-polymer 'MAGNESIUM ION'
4 water water
#
_entity_poly.entity_id   1
_entity_poly.type   'polypeptide(L)'
_entity_poly.pdbx_seq_one_letter_code
;MTMMDMNFKYCHKIMKKHSKSFSYAFDLLPEDQRKAVWAIYAVCRKIDDSIDVYGDIQFLNQIKEDIQSIEKYPYEYHHF
QSDRRIMMALQHVAQHKNIAFQSFYNLIDTVYKDQHFTMFETDAELFGYCYGVAGTVGEVLTPILSDHETHQTYDVARRL
GESLQLINILRDVGEDFENERIYFSKQRLKQYEVDIAEVYQNGVNNHYIDLWEYYAAIAEKDFRDVMDQIKVFSIEAQPI
IELAARIYIEILDEVRQANYTLHERVFVEKRKKAKLFHEINSKYHRI
;
_entity_poly.pdbx_strand_id   A
#
loop_
_chem_comp.id
_chem_comp.type
_chem_comp.name
_chem_comp.formula
MG non-polymer 'MAGNESIUM ION' 'Mg 2'
RWY non-polymer '2-(4-phenoxyphenoxy)ethyl thiocyanate' 'C15 H13 N O2 S'
#
# COMPACT_ATOMS: atom_id res chain seq x y z
N MET A 1 -29.45 7.34 -1.27
CA MET A 1 -28.33 6.43 -1.52
C MET A 1 -28.79 5.04 -1.97
N THR A 2 -28.23 4.54 -3.06
CA THR A 2 -28.60 3.22 -3.55
C THR A 2 -27.84 2.14 -2.78
N MET A 3 -28.16 0.88 -3.06
CA MET A 3 -27.41 -0.24 -2.45
C MET A 3 -25.92 -0.18 -2.78
N MET A 4 -25.59 0.06 -4.05
CA MET A 4 -24.20 0.12 -4.48
C MET A 4 -23.44 1.28 -3.85
N ASP A 5 -24.12 2.42 -3.68
CA ASP A 5 -23.54 3.53 -2.96
C ASP A 5 -23.11 3.08 -1.56
N MET A 6 -23.95 2.26 -0.91
CA MET A 6 -23.67 1.76 0.44
C MET A 6 -22.46 0.85 0.43
N ASN A 7 -22.34 0.04 -0.61
CA ASN A 7 -21.18 -0.83 -0.75
C ASN A 7 -19.90 0.01 -0.83
N PHE A 8 -19.91 1.01 -1.71
CA PHE A 8 -18.74 1.86 -1.87
C PHE A 8 -18.46 2.66 -0.61
N LYS A 9 -19.50 3.12 0.08
CA LYS A 9 -19.27 3.87 1.33
C LYS A 9 -18.58 3.01 2.39
N TYR A 10 -18.92 1.73 2.43
CA TYR A 10 -18.23 0.79 3.31
C TYR A 10 -16.75 0.62 2.92
N CYS A 11 -16.48 0.49 1.62
CA CYS A 11 -15.08 0.47 1.15
C CYS A 11 -14.31 1.73 1.58
N HIS A 12 -14.94 2.90 1.45
CA HIS A 12 -14.31 4.15 1.87
C HIS A 12 -13.97 4.12 3.37
N LYS A 13 -14.92 3.66 4.17
CA LYS A 13 -14.72 3.51 5.61
C LYS A 13 -13.49 2.66 5.93
N ILE A 14 -13.37 1.52 5.27
CA ILE A 14 -12.23 0.65 5.50
C ILE A 14 -10.92 1.34 5.13
N MET A 15 -10.93 2.10 4.04
CA MET A 15 -9.71 2.78 3.58
C MET A 15 -9.29 3.91 4.51
N LYS A 16 -10.26 4.71 4.96
CA LYS A 16 -9.97 5.85 5.85
C LYS A 16 -9.49 5.37 7.23
N LYS A 17 -10.03 4.25 7.69
CA LYS A 17 -9.71 3.71 9.00
C LYS A 17 -8.27 3.21 9.02
N HIS A 18 -7.82 2.66 7.89
CA HIS A 18 -6.49 2.10 7.81
C HIS A 18 -5.40 3.11 7.44
N SER A 19 -5.72 4.08 6.57
CA SER A 19 -4.71 5.04 6.14
C SER A 19 -5.31 6.42 5.89
N LYS A 20 -5.11 7.33 6.83
CA LYS A 20 -5.61 8.69 6.68
C LYS A 20 -4.84 9.39 5.57
N SER A 21 -3.56 9.08 5.44
CA SER A 21 -2.71 9.74 4.45
C SER A 21 -3.24 9.41 3.07
N PHE A 22 -3.48 8.12 2.84
CA PHE A 22 -3.91 7.65 1.54
C PHE A 22 -5.30 8.16 1.21
N SER A 23 -6.19 8.07 2.20
CA SER A 23 -7.55 8.59 2.05
C SER A 23 -7.56 10.08 1.72
N TYR A 24 -6.79 10.85 2.47
CA TYR A 24 -6.76 12.30 2.29
C TYR A 24 -6.55 12.65 0.82
N ALA A 25 -5.50 12.08 0.23
CA ALA A 25 -5.20 12.36 -1.17
C ALA A 25 -6.25 11.81 -2.13
N PHE A 26 -6.51 10.51 -2.06
CA PHE A 26 -7.33 9.84 -3.06
C PHE A 26 -8.80 10.19 -2.97
N ASP A 27 -9.23 10.71 -1.82
CA ASP A 27 -10.58 11.26 -1.74
C ASP A 27 -10.76 12.52 -2.61
N LEU A 28 -9.66 13.07 -3.12
CA LEU A 28 -9.74 14.27 -3.98
C LEU A 28 -10.03 13.94 -5.44
N LEU A 29 -9.97 12.66 -5.78
CA LEU A 29 -10.25 12.22 -7.15
C LEU A 29 -11.71 12.49 -7.52
N PRO A 30 -12.00 12.60 -8.82
CA PRO A 30 -13.38 12.64 -9.30
C PRO A 30 -14.16 11.44 -8.79
N GLU A 31 -15.48 11.54 -8.73
CA GLU A 31 -16.32 10.53 -8.08
C GLU A 31 -16.10 9.10 -8.58
N ASP A 32 -16.18 8.87 -9.88
CA ASP A 32 -16.08 7.51 -10.37
C ASP A 32 -14.72 6.89 -10.04
N GLN A 33 -13.67 7.70 -10.14
CA GLN A 33 -12.34 7.18 -9.93
C GLN A 33 -12.08 6.96 -8.45
N ARG A 34 -12.53 7.87 -7.60
CA ARG A 34 -12.37 7.68 -6.16
C ARG A 34 -13.05 6.39 -5.66
N LYS A 35 -14.27 6.15 -6.13
CA LYS A 35 -15.00 4.95 -5.69
C LYS A 35 -14.26 3.68 -6.09
N ALA A 36 -13.76 3.64 -7.31
CA ALA A 36 -12.99 2.48 -7.77
C ALA A 36 -11.76 2.28 -6.88
N VAL A 37 -11.09 3.37 -6.51
CA VAL A 37 -9.92 3.25 -5.64
C VAL A 37 -10.30 2.67 -4.27
N TRP A 38 -11.41 3.15 -3.70
CA TRP A 38 -11.91 2.62 -2.42
C TRP A 38 -12.11 1.11 -2.48
N ALA A 39 -12.75 0.63 -3.55
CA ALA A 39 -13.11 -0.79 -3.67
C ALA A 39 -11.86 -1.66 -3.76
N ILE A 40 -10.93 -1.26 -4.62
CA ILE A 40 -9.66 -1.97 -4.77
C ILE A 40 -8.88 -1.97 -3.46
N TYR A 41 -8.75 -0.81 -2.85
CA TYR A 41 -8.07 -0.69 -1.56
C TYR A 41 -8.69 -1.62 -0.53
N ALA A 42 -10.01 -1.60 -0.43
CA ALA A 42 -10.71 -2.37 0.59
C ALA A 42 -10.48 -3.87 0.39
N VAL A 43 -10.50 -4.32 -0.86
CA VAL A 43 -10.24 -5.72 -1.15
C VAL A 43 -8.85 -6.08 -0.64
N CYS A 44 -7.89 -5.23 -0.95
CA CYS A 44 -6.51 -5.47 -0.54
C CYS A 44 -6.36 -5.51 0.98
N ARG A 45 -7.05 -4.59 1.67
CA ARG A 45 -7.04 -4.56 3.13
C ARG A 45 -7.63 -5.84 3.72
N LYS A 46 -8.70 -6.31 3.11
CA LYS A 46 -9.39 -7.51 3.57
C LYS A 46 -8.50 -8.73 3.41
N ILE A 47 -7.78 -8.80 2.30
CA ILE A 47 -6.80 -9.86 2.08
C ILE A 47 -5.68 -9.79 3.15
N ASP A 48 -5.13 -8.60 3.37
CA ASP A 48 -4.06 -8.39 4.35
C ASP A 48 -4.42 -8.83 5.77
N ASP A 49 -5.67 -8.60 6.18
CA ASP A 49 -6.13 -8.90 7.53
C ASP A 49 -6.80 -10.29 7.66
N SER A 50 -6.85 -11.06 6.58
CA SER A 50 -7.72 -12.24 6.56
C SER A 50 -7.35 -13.33 7.57
N ILE A 51 -6.05 -13.57 7.74
CA ILE A 51 -5.60 -14.69 8.55
C ILE A 51 -6.08 -14.60 10.01
N ASP A 52 -6.17 -13.38 10.54
CA ASP A 52 -6.59 -13.20 11.92
C ASP A 52 -8.10 -13.24 12.12
N VAL A 53 -8.83 -13.77 11.15
CA VAL A 53 -10.28 -13.87 11.31
C VAL A 53 -10.64 -15.02 12.27
N TYR A 54 -10.26 -16.24 11.90
CA TYR A 54 -10.38 -17.39 12.79
C TYR A 54 -8.99 -17.78 13.25
N GLY A 55 -7.99 -17.23 12.56
CA GLY A 55 -6.61 -17.60 12.79
C GLY A 55 -6.14 -18.66 11.80
N ASP A 56 -6.72 -18.66 10.60
CA ASP A 56 -6.29 -19.56 9.52
C ASP A 56 -6.65 -19.04 8.12
N ILE A 57 -6.47 -19.87 7.10
CA ILE A 57 -6.62 -19.41 5.73
C ILE A 57 -8.03 -19.50 5.14
N GLN A 58 -9.01 -19.86 5.97
CA GLN A 58 -10.38 -20.08 5.49
C GLN A 58 -10.94 -18.87 4.78
N PHE A 59 -10.90 -17.73 5.45
CA PHE A 59 -11.44 -16.52 4.86
C PHE A 59 -10.67 -16.10 3.62
N LEU A 60 -9.35 -16.25 3.67
CA LEU A 60 -8.54 -15.87 2.53
C LEU A 60 -8.89 -16.72 1.29
N ASN A 61 -9.07 -18.02 1.46
CA ASN A 61 -9.53 -18.88 0.38
C ASN A 61 -10.87 -18.41 -0.23
N GLN A 62 -11.80 -17.97 0.62
CA GLN A 62 -13.08 -17.48 0.14
C GLN A 62 -12.97 -16.17 -0.65
N ILE A 63 -12.11 -15.28 -0.18
CA ILE A 63 -11.84 -14.04 -0.90
C ILE A 63 -11.33 -14.35 -2.30
N LYS A 64 -10.35 -15.24 -2.37
CA LYS A 64 -9.76 -15.63 -3.64
C LYS A 64 -10.82 -16.20 -4.58
N GLU A 65 -11.69 -17.07 -4.05
CA GLU A 65 -12.75 -17.63 -4.88
C GLU A 65 -13.74 -16.59 -5.39
N ASP A 66 -14.06 -15.62 -4.54
CA ASP A 66 -14.92 -14.51 -4.96
C ASP A 66 -14.30 -13.74 -6.13
N ILE A 67 -13.04 -13.37 -5.98
CA ILE A 67 -12.30 -12.71 -7.06
C ILE A 67 -12.25 -13.55 -8.36
N GLN A 68 -12.07 -14.86 -8.21
CA GLN A 68 -12.05 -15.73 -9.39
C GLN A 68 -13.40 -15.79 -10.09
N SER A 69 -14.49 -15.71 -9.32
CA SER A 69 -15.84 -15.73 -9.91
C SER A 69 -16.06 -14.46 -10.73
N ILE A 70 -15.64 -13.32 -10.17
CA ILE A 70 -15.74 -12.03 -10.85
C ILE A 70 -14.94 -12.05 -12.16
N GLU A 71 -13.71 -12.57 -12.10
CA GLU A 71 -12.86 -12.63 -13.28
C GLU A 71 -13.48 -13.46 -14.39
N LYS A 72 -14.03 -14.62 -14.03
CA LYS A 72 -14.53 -15.53 -15.07
C LYS A 72 -15.97 -15.19 -15.50
N TYR A 73 -16.77 -14.63 -14.59
CA TYR A 73 -18.15 -14.22 -14.89
C TYR A 73 -18.46 -12.83 -14.36
N PRO A 74 -17.82 -11.80 -14.93
CA PRO A 74 -17.97 -10.45 -14.38
C PRO A 74 -19.42 -9.92 -14.42
N TYR A 75 -20.26 -10.46 -15.29
CA TYR A 75 -21.65 -9.98 -15.41
C TYR A 75 -22.72 -10.92 -14.82
N GLU A 76 -22.31 -12.02 -14.21
CA GLU A 76 -23.28 -12.90 -13.58
C GLU A 76 -23.45 -12.47 -12.14
N TYR A 77 -24.64 -12.72 -11.59
CA TYR A 77 -24.85 -12.51 -10.18
C TYR A 77 -24.13 -13.60 -9.38
N HIS A 78 -23.38 -13.19 -8.35
CA HIS A 78 -22.66 -14.13 -7.53
C HIS A 78 -23.09 -14.02 -6.09
N HIS A 79 -23.24 -15.17 -5.43
CA HIS A 79 -23.38 -15.20 -3.98
C HIS A 79 -21.99 -15.30 -3.36
N PHE A 80 -21.42 -14.15 -3.06
CA PHE A 80 -20.04 -14.09 -2.56
C PHE A 80 -19.85 -14.77 -1.21
N GLN A 81 -18.78 -15.55 -1.09
CA GLN A 81 -18.47 -16.26 0.16
C GLN A 81 -17.82 -15.40 1.25
N SER A 82 -17.17 -14.30 0.88
CA SER A 82 -16.44 -13.52 1.88
C SER A 82 -17.19 -12.26 2.34
N ASP A 83 -16.71 -11.08 1.94
CA ASP A 83 -17.38 -9.84 2.29
C ASP A 83 -18.19 -9.36 1.09
N ARG A 84 -19.52 -9.49 1.16
CA ARG A 84 -20.38 -9.21 0.02
C ARG A 84 -20.24 -7.77 -0.45
N ARG A 85 -20.28 -6.84 0.49
CA ARG A 85 -20.27 -5.42 0.17
C ARG A 85 -19.05 -5.08 -0.67
N ILE A 86 -17.89 -5.57 -0.25
CA ILE A 86 -16.66 -5.28 -0.95
C ILE A 86 -16.62 -5.96 -2.32
N MET A 87 -17.10 -7.20 -2.40
CA MET A 87 -17.04 -7.92 -3.66
C MET A 87 -18.04 -7.40 -4.70
N MET A 88 -19.22 -6.95 -4.26
CA MET A 88 -20.15 -6.28 -5.18
C MET A 88 -19.52 -4.99 -5.74
N ALA A 89 -18.84 -4.24 -4.89
CA ALA A 89 -18.19 -3.02 -5.34
C ALA A 89 -17.08 -3.32 -6.34
N LEU A 90 -16.25 -4.32 -6.05
CA LEU A 90 -15.21 -4.72 -6.98
C LEU A 90 -15.79 -5.24 -8.30
N GLN A 91 -16.85 -6.04 -8.23
CA GLN A 91 -17.47 -6.50 -9.46
C GLN A 91 -17.97 -5.34 -10.33
N HIS A 92 -18.51 -4.33 -9.67
CA HIS A 92 -19.02 -3.15 -10.37
C HIS A 92 -17.87 -2.45 -11.07
N VAL A 93 -16.74 -2.31 -10.37
CA VAL A 93 -15.55 -1.75 -10.97
C VAL A 93 -15.09 -2.55 -12.18
N ALA A 94 -15.03 -3.88 -12.01
CA ALA A 94 -14.58 -4.79 -13.07
C ALA A 94 -15.40 -4.66 -14.35
N GLN A 95 -16.69 -4.38 -14.20
CA GLN A 95 -17.56 -4.26 -15.37
C GLN A 95 -17.23 -3.02 -16.19
N HIS A 96 -16.51 -2.07 -15.58
CA HIS A 96 -16.25 -0.80 -16.23
C HIS A 96 -14.78 -0.57 -16.55
N LYS A 97 -13.91 -1.31 -15.87
CA LYS A 97 -12.48 -1.13 -16.04
C LYS A 97 -11.77 -2.48 -16.18
N ASN A 98 -10.60 -2.46 -16.78
CA ASN A 98 -9.77 -3.64 -16.93
C ASN A 98 -8.99 -3.91 -15.64
N ILE A 99 -9.42 -4.91 -14.87
CA ILE A 99 -8.73 -5.25 -13.64
C ILE A 99 -7.62 -6.28 -13.89
N ALA A 100 -6.42 -6.00 -13.36
CA ALA A 100 -5.33 -6.97 -13.42
C ALA A 100 -5.48 -8.04 -12.34
N PHE A 101 -6.30 -9.04 -12.64
CA PHE A 101 -6.61 -10.07 -11.66
C PHE A 101 -5.38 -10.84 -11.19
N GLN A 102 -4.40 -11.06 -12.06
CA GLN A 102 -3.21 -11.81 -11.64
C GLN A 102 -2.47 -11.04 -10.55
N SER A 103 -2.63 -9.73 -10.53
CA SER A 103 -2.06 -8.93 -9.48
C SER A 103 -2.69 -9.19 -8.10
N PHE A 104 -4.01 -9.39 -8.06
CA PHE A 104 -4.68 -9.79 -6.81
C PHE A 104 -4.18 -11.16 -6.37
N TYR A 105 -3.99 -12.07 -7.32
CA TYR A 105 -3.53 -13.42 -6.99
C TYR A 105 -2.10 -13.40 -6.46
N ASN A 106 -1.27 -12.52 -7.02
CA ASN A 106 0.09 -12.35 -6.50
C ASN A 106 0.05 -11.86 -5.05
N LEU A 107 -0.81 -10.89 -4.78
CA LEU A 107 -0.95 -10.36 -3.43
C LEU A 107 -1.39 -11.46 -2.48
N ILE A 108 -2.39 -12.24 -2.91
CA ILE A 108 -2.93 -13.28 -2.07
C ILE A 108 -1.87 -14.34 -1.78
N ASP A 109 -1.11 -14.72 -2.80
CA ASP A 109 -0.02 -15.68 -2.60
C ASP A 109 1.00 -15.18 -1.59
N THR A 110 1.29 -13.89 -1.66
CA THR A 110 2.21 -13.28 -0.70
C THR A 110 1.69 -13.43 0.73
N VAL A 111 0.41 -13.11 0.92
CA VAL A 111 -0.22 -13.27 2.22
C VAL A 111 -0.17 -14.72 2.71
N TYR A 112 -0.43 -15.68 1.82
CA TYR A 112 -0.26 -17.10 2.16
C TYR A 112 1.12 -17.38 2.73
N LYS A 113 2.15 -16.81 2.09
CA LYS A 113 3.54 -17.09 2.45
C LYS A 113 3.83 -16.51 3.82
N ASP A 114 3.15 -15.42 4.14
CA ASP A 114 3.47 -14.67 5.33
C ASP A 114 3.18 -15.43 6.62
N GLN A 115 2.34 -16.47 6.53
CA GLN A 115 2.04 -17.29 7.70
C GLN A 115 3.16 -18.27 8.08
N HIS A 116 4.15 -18.41 7.20
CA HIS A 116 5.39 -19.06 7.59
C HIS A 116 6.56 -18.14 7.28
N PHE A 117 6.42 -16.91 7.76
CA PHE A 117 7.41 -15.86 7.57
C PHE A 117 8.74 -16.26 8.17
N THR A 118 9.76 -16.09 7.36
CA THR A 118 11.13 -16.10 7.84
C THR A 118 11.74 -14.82 7.29
N MET A 119 12.76 -14.32 7.97
CA MET A 119 13.35 -13.06 7.60
C MET A 119 13.94 -13.15 6.22
N PHE A 120 14.02 -12.02 5.53
CA PHE A 120 14.60 -12.00 4.19
C PHE A 120 16.11 -12.08 4.29
N GLU A 121 16.69 -13.00 3.53
CA GLU A 121 18.14 -13.16 3.47
C GLU A 121 18.80 -11.96 2.84
N THR A 122 18.20 -11.42 1.78
CA THR A 122 18.80 -10.32 1.04
C THR A 122 17.77 -9.23 0.70
N ASP A 123 18.26 -8.09 0.28
CA ASP A 123 17.35 -7.00 -0.07
C ASP A 123 16.47 -7.37 -1.28
N ALA A 124 16.98 -8.24 -2.15
CA ALA A 124 16.20 -8.73 -3.28
C ALA A 124 14.92 -9.42 -2.84
N GLU A 125 14.99 -10.21 -1.76
CA GLU A 125 13.82 -10.85 -1.15
C GLU A 125 12.86 -9.82 -0.53
N LEU A 126 13.43 -8.81 0.14
CA LEU A 126 12.64 -7.75 0.72
C LEU A 126 11.89 -6.98 -0.36
N PHE A 127 12.56 -6.63 -1.44
CA PHE A 127 11.92 -5.93 -2.55
C PHE A 127 10.88 -6.82 -3.25
N GLY A 128 11.14 -8.12 -3.33
CA GLY A 128 10.13 -9.04 -3.81
C GLY A 128 8.86 -8.99 -2.98
N TYR A 129 9.03 -8.88 -1.66
CA TYR A 129 7.91 -8.73 -0.75
C TYR A 129 7.14 -7.42 -0.98
N CYS A 130 7.88 -6.33 -1.17
CA CYS A 130 7.27 -5.02 -1.43
C CYS A 130 6.47 -5.04 -2.73
N TYR A 131 6.97 -5.75 -3.72
CA TYR A 131 6.18 -5.97 -4.92
C TYR A 131 4.91 -6.72 -4.54
N GLY A 132 5.09 -7.84 -3.86
CA GLY A 132 3.97 -8.73 -3.54
C GLY A 132 2.82 -8.03 -2.83
N VAL A 133 3.12 -7.20 -1.83
CA VAL A 133 2.05 -6.62 -1.02
C VAL A 133 1.62 -5.22 -1.46
N ALA A 134 2.39 -4.58 -2.32
CA ALA A 134 2.17 -3.18 -2.61
C ALA A 134 2.33 -2.88 -4.10
N GLY A 135 3.36 -3.44 -4.73
CA GLY A 135 3.53 -3.26 -6.16
C GLY A 135 2.29 -3.77 -6.89
N THR A 136 1.79 -4.92 -6.45
CA THR A 136 0.58 -5.51 -7.02
C THR A 136 -0.60 -4.55 -6.93
N VAL A 137 -0.70 -3.83 -5.81
CA VAL A 137 -1.81 -2.89 -5.64
C VAL A 137 -1.72 -1.75 -6.63
N GLY A 138 -0.51 -1.23 -6.84
CA GLY A 138 -0.27 -0.22 -7.85
C GLY A 138 -0.69 -0.68 -9.23
N GLU A 139 -0.40 -1.94 -9.53
CA GLU A 139 -0.75 -2.53 -10.82
C GLU A 139 -2.26 -2.57 -11.01
N VAL A 140 -2.99 -2.98 -9.96
CA VAL A 140 -4.45 -3.03 -10.05
C VAL A 140 -5.04 -1.63 -10.27
N LEU A 141 -4.48 -0.64 -9.57
CA LEU A 141 -4.95 0.74 -9.68
C LEU A 141 -4.61 1.42 -11.01
N THR A 142 -3.68 0.85 -11.75
CA THR A 142 -3.18 1.52 -12.95
C THR A 142 -4.26 2.00 -13.93
N PRO A 143 -5.20 1.11 -14.32
CA PRO A 143 -6.24 1.54 -15.27
C PRO A 143 -7.21 2.56 -14.70
N ILE A 144 -7.35 2.62 -13.38
CA ILE A 144 -8.20 3.64 -12.76
C ILE A 144 -7.58 5.03 -12.89
N LEU A 145 -6.27 5.11 -12.71
CA LEU A 145 -5.57 6.39 -12.63
C LEU A 145 -4.90 6.83 -13.95
N SER A 146 -5.10 6.09 -15.02
CA SER A 146 -4.54 6.46 -16.31
C SER A 146 -5.54 6.27 -17.43
N ASP A 147 -5.36 6.99 -18.53
CA ASP A 147 -6.31 6.93 -19.64
C ASP A 147 -5.93 5.89 -20.67
N HIS A 148 -4.65 5.79 -20.96
CA HIS A 148 -4.14 4.80 -21.90
C HIS A 148 -2.94 4.11 -21.28
N GLU A 149 -3.17 2.98 -20.63
CA GLU A 149 -2.10 2.31 -19.90
C GLU A 149 -1.13 1.63 -20.84
N THR A 150 0.15 1.91 -20.63
CA THR A 150 1.23 1.23 -21.32
C THR A 150 2.06 0.52 -20.27
N HIS A 151 3.10 -0.18 -20.69
CA HIS A 151 3.97 -0.86 -19.74
C HIS A 151 4.61 0.16 -18.79
N GLN A 152 4.80 1.38 -19.28
CA GLN A 152 5.37 2.46 -18.48
C GLN A 152 4.46 2.84 -17.32
N THR A 153 3.17 2.97 -17.60
CA THR A 153 2.19 3.33 -16.59
C THR A 153 2.23 2.33 -15.44
N TYR A 154 2.19 1.04 -15.79
CA TYR A 154 2.27 -0.01 -14.81
C TYR A 154 3.60 0.04 -14.08
N ASP A 155 4.69 0.26 -14.82
CA ASP A 155 5.99 0.28 -14.18
C ASP A 155 6.06 1.36 -13.10
N VAL A 156 5.61 2.56 -13.43
CA VAL A 156 5.65 3.69 -12.50
C VAL A 156 4.75 3.46 -11.27
N ALA A 157 3.53 3.00 -11.51
CA ALA A 157 2.60 2.67 -10.41
C ALA A 157 3.18 1.60 -9.48
N ARG A 158 3.74 0.57 -10.08
CA ARG A 158 4.36 -0.51 -9.34
C ARG A 158 5.48 0.05 -8.45
N ARG A 159 6.33 0.90 -9.02
CA ARG A 159 7.42 1.50 -8.28
C ARG A 159 6.93 2.35 -7.12
N LEU A 160 5.91 3.18 -7.36
CA LEU A 160 5.32 3.98 -6.30
C LEU A 160 4.80 3.08 -5.17
N GLY A 161 4.10 2.01 -5.53
CA GLY A 161 3.52 1.12 -4.54
C GLY A 161 4.60 0.57 -3.65
N GLU A 162 5.69 0.16 -4.28
CA GLU A 162 6.78 -0.44 -3.55
C GLU A 162 7.54 0.54 -2.67
N SER A 163 7.58 1.81 -3.09
CA SER A 163 8.22 2.86 -2.30
C SER A 163 7.41 3.17 -1.06
N LEU A 164 6.10 3.19 -1.24
CA LEU A 164 5.18 3.41 -0.13
C LEU A 164 5.33 2.30 0.89
N GLN A 165 5.41 1.06 0.41
CA GLN A 165 5.60 -0.08 1.31
C GLN A 165 6.89 0.04 2.11
N LEU A 166 7.96 0.43 1.45
CA LEU A 166 9.25 0.59 2.13
C LEU A 166 9.16 1.69 3.18
N ILE A 167 8.46 2.77 2.86
CA ILE A 167 8.22 3.81 3.83
C ILE A 167 7.39 3.33 5.02
N ASN A 168 6.36 2.52 4.77
CA ASN A 168 5.59 1.92 5.85
C ASN A 168 6.50 1.13 6.79
N ILE A 169 7.43 0.37 6.19
CA ILE A 169 8.33 -0.48 6.94
C ILE A 169 9.24 0.39 7.81
N LEU A 170 9.72 1.48 7.22
CA LEU A 170 10.64 2.40 7.89
C LEU A 170 9.92 3.10 9.03
N ARG A 171 8.62 3.31 8.89
CA ARG A 171 7.81 3.89 9.96
C ARG A 171 7.50 2.90 11.10
N ASP A 172 7.36 1.63 10.76
CA ASP A 172 6.79 0.67 11.71
C ASP A 172 7.78 -0.35 12.28
N VAL A 173 9.06 -0.05 12.26
CA VAL A 173 10.04 -0.97 12.79
C VAL A 173 9.65 -1.55 14.15
N GLY A 174 9.36 -0.68 15.12
CA GLY A 174 9.06 -1.12 16.48
C GLY A 174 7.79 -1.95 16.59
N GLU A 175 6.71 -1.44 16.01
CA GLU A 175 5.45 -2.15 15.95
C GLU A 175 5.60 -3.51 15.27
N ASP A 176 6.28 -3.56 14.12
CA ASP A 176 6.50 -4.84 13.46
C ASP A 176 7.33 -5.76 14.36
N PHE A 177 8.33 -5.22 15.04
CA PHE A 177 9.15 -6.05 15.91
C PHE A 177 8.31 -6.71 17.03
N GLU A 178 7.45 -5.93 17.68
CA GLU A 178 6.54 -6.49 18.69
C GLU A 178 5.70 -7.63 18.13
N ASN A 179 5.36 -7.53 16.84
CA ASN A 179 4.55 -8.56 16.21
C ASN A 179 5.45 -9.59 15.56
N GLU A 180 6.68 -9.65 16.06
CA GLU A 180 7.65 -10.65 15.61
C GLU A 180 7.91 -10.57 14.12
N ARG A 181 7.98 -9.36 13.59
CA ARG A 181 8.32 -9.17 12.19
C ARG A 181 9.49 -8.20 12.04
N ILE A 182 10.51 -8.64 11.32
CA ILE A 182 11.60 -7.75 10.91
C ILE A 182 11.76 -7.82 9.39
N TYR A 183 11.67 -6.67 8.74
CA TYR A 183 11.66 -6.64 7.28
C TYR A 183 12.99 -6.23 6.66
N PHE A 184 13.88 -5.62 7.44
CA PHE A 184 15.26 -5.38 6.97
C PHE A 184 15.90 -6.71 6.66
N SER A 185 16.66 -6.81 5.57
CA SER A 185 17.30 -8.08 5.21
C SER A 185 18.43 -8.48 6.17
N LYS A 186 18.69 -9.78 6.27
CA LYS A 186 19.77 -10.30 7.11
C LYS A 186 21.14 -9.84 6.58
N GLN A 187 21.26 -9.77 5.26
CA GLN A 187 22.47 -9.24 4.66
C GLN A 187 22.74 -7.86 5.22
N ARG A 188 21.76 -6.97 5.08
CA ARG A 188 21.98 -5.58 5.45
C ARG A 188 22.14 -5.40 6.97
N LEU A 189 21.39 -6.16 7.76
CA LEU A 189 21.50 -6.10 9.22
C LEU A 189 22.90 -6.49 9.67
N LYS A 190 23.45 -7.55 9.08
CA LYS A 190 24.79 -8.02 9.40
C LYS A 190 25.84 -7.00 8.96
N GLN A 191 25.72 -6.53 7.73
CA GLN A 191 26.64 -5.51 7.23
C GLN A 191 26.72 -4.28 8.14
N TYR A 192 25.58 -3.82 8.61
CA TYR A 192 25.56 -2.60 9.44
C TYR A 192 25.72 -2.90 10.92
N GLU A 193 25.89 -4.17 11.27
CA GLU A 193 26.02 -4.57 12.67
C GLU A 193 24.83 -4.16 13.53
N VAL A 194 23.63 -4.48 13.06
CA VAL A 194 22.42 -4.06 13.73
C VAL A 194 21.62 -5.26 14.23
N ASP A 195 21.07 -5.15 15.44
CA ASP A 195 20.22 -6.19 16.01
C ASP A 195 18.94 -5.50 16.51
N ILE A 196 17.81 -5.73 15.82
CA ILE A 196 16.57 -5.01 16.14
C ILE A 196 16.12 -5.22 17.59
N ALA A 197 16.22 -6.46 18.08
CA ALA A 197 15.86 -6.72 19.47
C ALA A 197 16.73 -5.86 20.39
N GLU A 198 18.02 -5.80 20.11
CA GLU A 198 18.94 -4.99 20.91
C GLU A 198 18.50 -3.53 20.87
N VAL A 199 18.22 -3.01 19.67
CA VAL A 199 17.81 -1.62 19.50
C VAL A 199 16.45 -1.34 20.15
N TYR A 200 15.55 -2.31 20.11
CA TYR A 200 14.25 -2.13 20.72
C TYR A 200 14.42 -1.94 22.24
N GLN A 201 15.38 -2.65 22.81
CA GLN A 201 15.62 -2.59 24.25
C GLN A 201 16.37 -1.33 24.67
N ASN A 202 17.38 -0.94 23.89
CA ASN A 202 18.38 0.03 24.32
C ASN A 202 18.36 1.35 23.58
N GLY A 203 17.46 1.52 22.63
CA GLY A 203 17.36 2.77 21.89
C GLY A 203 18.26 2.79 20.66
N VAL A 204 18.08 3.80 19.82
CA VAL A 204 18.85 3.89 18.60
C VAL A 204 20.34 3.98 18.92
N ASN A 205 21.14 3.77 17.89
CA ASN A 205 22.57 4.06 17.93
C ASN A 205 22.95 4.42 16.50
N ASN A 206 24.21 4.72 16.27
CA ASN A 206 24.62 5.16 14.94
C ASN A 206 24.56 4.05 13.87
N HIS A 207 24.83 2.81 14.24
CA HIS A 207 24.68 1.72 13.27
C HIS A 207 23.23 1.65 12.76
N TYR A 208 22.27 1.72 13.67
CA TYR A 208 20.88 1.61 13.29
C TYR A 208 20.46 2.75 12.38
N ILE A 209 20.85 3.95 12.73
CA ILE A 209 20.53 5.14 11.95
C ILE A 209 21.09 5.05 10.53
N ASP A 210 22.34 4.60 10.41
CA ASP A 210 22.94 4.36 9.10
C ASP A 210 22.12 3.32 8.30
N LEU A 211 21.79 2.20 8.94
CA LEU A 211 20.97 1.17 8.28
C LEU A 211 19.60 1.71 7.86
N TRP A 212 18.93 2.40 8.77
CA TRP A 212 17.66 3.02 8.45
C TRP A 212 17.79 4.00 7.28
N GLU A 213 18.80 4.86 7.32
CA GLU A 213 18.95 5.89 6.29
C GLU A 213 19.29 5.27 4.94
N TYR A 214 19.97 4.14 4.96
CA TYR A 214 20.30 3.42 3.72
C TYR A 214 19.02 3.10 2.97
N TYR A 215 18.03 2.59 3.69
CA TYR A 215 16.76 2.22 3.06
C TYR A 215 15.95 3.46 2.71
N ALA A 216 15.95 4.44 3.61
CA ALA A 216 15.26 5.70 3.35
C ALA A 216 15.76 6.34 2.05
N ALA A 217 17.07 6.25 1.80
CA ALA A 217 17.63 6.82 0.58
C ALA A 217 17.04 6.12 -0.65
N ILE A 218 16.88 4.81 -0.56
CA ILE A 218 16.27 4.05 -1.64
C ILE A 218 14.85 4.54 -1.91
N ALA A 219 14.05 4.68 -0.86
CA ALA A 219 12.66 5.13 -1.01
C ALA A 219 12.62 6.49 -1.67
N GLU A 220 13.49 7.39 -1.22
CA GLU A 220 13.47 8.75 -1.74
C GLU A 220 13.90 8.83 -3.20
N LYS A 221 14.86 7.99 -3.58
CA LYS A 221 15.30 7.99 -4.96
C LYS A 221 14.19 7.43 -5.83
N ASP A 222 13.54 6.37 -5.36
CA ASP A 222 12.45 5.81 -6.13
C ASP A 222 11.37 6.84 -6.27
N PHE A 223 11.14 7.61 -5.21
CA PHE A 223 10.10 8.64 -5.19
C PHE A 223 10.36 9.69 -6.27
N ARG A 224 11.57 10.20 -6.32
CA ARG A 224 11.97 11.18 -7.33
C ARG A 224 11.81 10.65 -8.76
N ASP A 225 12.17 9.39 -8.98
CA ASP A 225 12.01 8.81 -10.29
C ASP A 225 10.53 8.70 -10.68
N VAL A 226 9.68 8.37 -9.72
CA VAL A 226 8.25 8.38 -9.99
C VAL A 226 7.77 9.80 -10.32
N MET A 227 8.24 10.79 -9.56
CA MET A 227 7.85 12.17 -9.82
C MET A 227 8.22 12.61 -11.24
N ASP A 228 9.39 12.20 -11.70
CA ASP A 228 9.84 12.52 -13.04
C ASP A 228 8.92 11.96 -14.13
N GLN A 229 8.16 10.92 -13.80
CA GLN A 229 7.32 10.21 -14.78
C GLN A 229 5.82 10.35 -14.52
N ILE A 230 5.46 11.34 -13.71
CA ILE A 230 4.09 11.56 -13.27
C ILE A 230 3.11 11.73 -14.44
N LYS A 231 3.62 12.12 -15.59
CA LYS A 231 2.72 12.39 -16.72
C LYS A 231 2.11 11.15 -17.40
N VAL A 232 2.52 9.95 -16.98
CA VAL A 232 1.89 8.74 -17.50
C VAL A 232 0.48 8.64 -16.95
N PHE A 233 0.23 9.34 -15.85
CA PHE A 233 -1.06 9.31 -15.18
C PHE A 233 -2.00 10.37 -15.73
N SER A 234 -3.30 10.16 -15.60
CA SER A 234 -4.27 11.11 -16.12
C SER A 234 -4.06 12.48 -15.47
N ILE A 235 -4.49 13.52 -16.17
CA ILE A 235 -4.26 14.86 -15.67
C ILE A 235 -4.93 15.06 -14.32
N GLU A 236 -6.11 14.47 -14.12
CA GLU A 236 -6.81 14.60 -12.85
C GLU A 236 -6.06 13.91 -11.69
N ALA A 237 -5.35 12.83 -12.00
CA ALA A 237 -4.73 12.00 -10.96
C ALA A 237 -3.36 12.52 -10.58
N GLN A 238 -2.72 13.23 -11.50
CA GLN A 238 -1.34 13.66 -11.27
C GLN A 238 -1.14 14.44 -9.97
N PRO A 239 -1.94 15.50 -9.74
CA PRO A 239 -1.75 16.20 -8.46
C PRO A 239 -2.05 15.31 -7.26
N ILE A 240 -3.00 14.39 -7.41
CA ILE A 240 -3.41 13.51 -6.30
C ILE A 240 -2.28 12.54 -5.95
N ILE A 241 -1.72 11.92 -6.98
CA ILE A 241 -0.65 10.96 -6.80
C ILE A 241 0.57 11.67 -6.27
N GLU A 242 0.82 12.89 -6.77
CA GLU A 242 1.92 13.66 -6.22
C GLU A 242 1.68 13.97 -4.74
N LEU A 243 0.45 14.32 -4.39
CA LEU A 243 0.13 14.56 -2.97
C LEU A 243 0.38 13.32 -2.10
N ALA A 244 -0.18 12.18 -2.52
CA ALA A 244 0.01 10.93 -1.78
C ALA A 244 1.48 10.70 -1.49
N ALA A 245 2.30 10.87 -2.52
CA ALA A 245 3.70 10.53 -2.42
C ALA A 245 4.42 11.47 -1.47
N ARG A 246 4.17 12.77 -1.61
CA ARG A 246 4.76 13.78 -0.75
C ARG A 246 4.40 13.58 0.72
N ILE A 247 3.14 13.21 0.97
CA ILE A 247 2.70 12.96 2.32
C ILE A 247 3.49 11.81 2.94
N TYR A 248 3.83 10.82 2.12
CA TYR A 248 4.58 9.67 2.58
C TYR A 248 6.06 9.98 2.76
N ILE A 249 6.60 10.83 1.90
CA ILE A 249 7.98 11.26 2.03
C ILE A 249 8.14 12.02 3.35
N GLU A 250 7.13 12.82 3.69
CA GLU A 250 7.12 13.56 4.93
C GLU A 250 7.12 12.62 6.15
N ILE A 251 6.60 11.40 5.97
CA ILE A 251 6.63 10.42 7.04
C ILE A 251 8.07 10.13 7.47
N LEU A 252 8.97 10.08 6.51
CA LEU A 252 10.41 9.91 6.78
C LEU A 252 10.98 11.02 7.67
N ASP A 253 10.58 12.26 7.42
CA ASP A 253 11.03 13.36 8.26
C ASP A 253 10.39 13.29 9.64
N GLU A 254 9.16 12.80 9.70
CA GLU A 254 8.50 12.61 10.99
C GLU A 254 9.26 11.58 11.83
N VAL A 255 9.85 10.58 11.17
CA VAL A 255 10.61 9.58 11.90
C VAL A 255 11.93 10.15 12.40
N ARG A 256 12.61 10.90 11.53
CA ARG A 256 13.89 11.51 11.88
C ARG A 256 13.70 12.44 13.06
N GLN A 257 12.58 13.15 13.03
CA GLN A 257 12.23 14.11 14.08
C GLN A 257 11.99 13.44 15.43
N ALA A 258 11.34 12.27 15.43
CA ALA A 258 11.12 11.50 16.64
C ALA A 258 12.34 10.67 17.00
N ASN A 259 13.48 11.00 16.40
CA ASN A 259 14.74 10.28 16.66
C ASN A 259 14.66 8.78 16.37
N TYR A 260 13.94 8.41 15.31
CA TYR A 260 13.88 7.01 14.88
C TYR A 260 13.28 6.11 15.95
N THR A 261 12.40 6.65 16.78
CA THR A 261 11.86 5.86 17.89
C THR A 261 11.18 4.57 17.44
N LEU A 262 11.45 3.49 18.17
CA LEU A 262 10.83 2.20 17.92
C LEU A 262 9.62 1.95 18.83
N HIS A 263 9.15 2.99 19.50
CA HIS A 263 8.13 2.75 20.52
C HIS A 263 6.84 3.55 20.31
N GLU A 264 6.79 4.29 19.21
CA GLU A 264 5.53 4.90 18.81
C GLU A 264 5.48 5.01 17.29
N ARG A 265 4.26 5.12 16.77
CA ARG A 265 4.00 5.31 15.35
C ARG A 265 3.93 6.79 15.06
N VAL A 266 4.86 7.33 14.28
CA VAL A 266 4.79 8.75 13.94
C VAL A 266 3.77 8.98 12.84
N PHE A 267 3.43 10.24 12.60
CA PHE A 267 2.39 10.54 11.62
C PHE A 267 2.49 11.96 11.13
N VAL A 268 1.90 12.24 9.97
CA VAL A 268 1.84 13.60 9.45
C VAL A 268 0.48 14.21 9.82
N GLU A 269 0.52 15.32 10.56
CA GLU A 269 -0.70 16.04 10.92
C GLU A 269 -1.59 16.31 9.73
N LYS A 270 -2.89 16.21 9.91
CA LYS A 270 -3.83 16.59 8.86
C LYS A 270 -3.56 18.02 8.33
N ARG A 271 -3.15 18.92 9.23
CA ARG A 271 -2.92 20.31 8.83
C ARG A 271 -1.68 20.42 7.94
N LYS A 272 -0.68 19.59 8.23
CA LYS A 272 0.53 19.49 7.43
C LYS A 272 0.24 18.91 6.04
N LYS A 273 -0.66 17.93 5.98
CA LYS A 273 -1.12 17.40 4.71
C LYS A 273 -1.75 18.50 3.84
N ALA A 274 -2.58 19.34 4.47
CA ALA A 274 -3.23 20.43 3.74
C ALA A 274 -2.18 21.40 3.19
N LYS A 275 -1.11 21.62 3.94
CA LYS A 275 -0.01 22.45 3.45
C LYS A 275 0.66 21.89 2.18
N LEU A 276 0.97 20.60 2.20
CA LEU A 276 1.59 19.96 1.05
C LEU A 276 0.65 20.07 -0.17
N PHE A 277 -0.63 19.91 0.06
CA PHE A 277 -1.61 20.04 -1.01
C PHE A 277 -1.60 21.44 -1.62
N HIS A 278 -1.46 22.45 -0.78
CA HIS A 278 -1.39 23.82 -1.27
C HIS A 278 -0.15 24.01 -2.13
N GLU A 279 0.98 23.56 -1.60
CA GLU A 279 2.26 23.70 -2.27
C GLU A 279 2.23 23.03 -3.64
N ILE A 280 1.49 21.93 -3.75
CA ILE A 280 1.43 21.17 -4.99
C ILE A 280 0.46 21.79 -5.99
N ASN A 281 -0.73 22.14 -5.53
CA ASN A 281 -1.74 22.72 -6.41
C ASN A 281 -1.29 24.06 -6.98
N SER A 282 -0.43 24.77 -6.24
CA SER A 282 0.08 26.06 -6.69
C SER A 282 0.67 25.95 -8.09
N LYS A 283 1.23 24.78 -8.39
CA LYS A 283 1.90 24.54 -9.66
C LYS A 283 1.06 23.66 -10.59
N TYR A 284 -0.22 23.50 -10.28
CA TYR A 284 -1.16 22.77 -11.13
C TYR A 284 -2.31 23.66 -11.59
NAA RWY B . -0.75 2.39 3.37
CAB RWY B . 0.05 1.90 2.73
CAC RWY B . 0.19 3.45 -8.28
CAD RWY B . -0.67 4.47 -7.95
CAE RWY B . 0.74 2.66 -7.27
CAF RWY B . -1.00 4.71 -6.63
CAG RWY B . 0.42 2.89 -5.95
CAH RWY B . -1.72 1.56 -1.94
CAI RWY B . 0.31 0.92 -3.05
CAJ RWY B . -1.75 2.74 -2.68
CAK RWY B . 0.29 2.10 -3.79
CAL RWY B . 0.35 -0.37 -0.38
CAM RWY B . 0.30 1.05 0.21
OAN RWY B . -0.65 -0.48 -1.40
OAO RWY B . -0.79 4.16 -4.32
SAP RWY B . 1.19 1.19 1.81
CAQ RWY B . -0.68 0.66 -2.12
CAR RWY B . -0.46 3.91 -5.62
CAS RWY B . -0.75 3.00 -3.60
MG MG C . 5.38 -2.77 7.86
#